data_5H61
#
_entry.id   5H61
#
_cell.length_a   46.610
_cell.length_b   145.580
_cell.length_c   55.480
_cell.angle_alpha   90.00
_cell.angle_beta   105.12
_cell.angle_gamma   90.00
#
_symmetry.space_group_name_H-M   'P 1 21 1'
#
loop_
_entity.id
_entity.type
_entity.pdbx_description
1 polymer Transferase
2 water water
#
_entity_poly.entity_id   1
_entity_poly.type   'polypeptide(L)'
_entity_poly.pdbx_seq_one_letter_code
;MARFNAAFTRIKIMFSRIRGLISCQSNTQTIAPTLSPPSSGHVSFAGIDYPLLPLNHQTPLVFQWFERNPDRFGQNEIPI
INTQKNPYLNNIINAAIIEKERIIGIFVDGDFSKGQRKALGKLEQNYRNIKVIYNSDLNYSMYDKKLTTIYLENITKLEA
QSASERDEVLLNGVKKSLEDVLKNNPEETLISSHNKDKGHLWFDFYRNLFLLKGSDAFLEAGKPGCHHLQPGGGCIYLDA
DMLLTDKLGTLYLPDGIAIHVSRKDNHVSLENGIIAVNRSEHPALIKGLEIMHSKPYGDPYNDWLSKGLRHYFDGSHIQD
YDAFCDFIEFKHENIIMNTSSLTASSWR
;
_entity_poly.pdbx_strand_id   A,B
#
# COMPACT_ATOMS: atom_id res chain seq x y z
N SER A 39 22.67 -35.43 12.12
CA SER A 39 23.56 -36.15 11.17
C SER A 39 24.66 -35.27 10.66
N SER A 40 24.31 -34.10 10.26
CA SER A 40 25.23 -33.02 10.41
C SER A 40 24.76 -32.22 11.60
N GLY A 41 24.17 -32.88 12.63
CA GLY A 41 23.60 -32.18 13.76
C GLY A 41 22.17 -31.65 13.62
N HIS A 42 21.61 -31.14 14.70
CA HIS A 42 20.29 -30.58 14.66
C HIS A 42 20.18 -29.36 15.48
N VAL A 43 19.16 -28.55 15.22
CA VAL A 43 18.81 -27.42 16.05
C VAL A 43 17.31 -27.55 16.36
N SER A 44 16.97 -27.43 17.63
CA SER A 44 15.58 -27.55 18.01
C SER A 44 14.93 -26.21 18.21
N PHE A 45 13.71 -26.07 17.71
CA PHE A 45 13.01 -24.84 17.90
C PHE A 45 11.52 -25.07 17.93
N ALA A 46 10.86 -24.54 18.93
CA ALA A 46 9.43 -24.65 19.10
C ALA A 46 8.91 -26.07 19.02
N GLY A 47 9.66 -27.02 19.61
CA GLY A 47 9.27 -28.42 19.64
C GLY A 47 9.71 -29.34 18.53
N ILE A 48 10.35 -28.79 17.53
CA ILE A 48 10.79 -29.60 16.41
C ILE A 48 12.31 -29.52 16.33
N ASP A 49 12.93 -30.64 16.00
CA ASP A 49 14.38 -30.72 15.82
C ASP A 49 14.61 -30.56 14.36
N TYR A 50 15.35 -29.54 13.99
CA TYR A 50 15.59 -29.32 12.56
C TYR A 50 17.00 -29.76 12.30
N PRO A 51 17.18 -30.56 11.28
CA PRO A 51 18.52 -30.96 10.92
C PRO A 51 19.32 -29.80 10.32
N LEU A 52 20.60 -29.74 10.66
CA LEU A 52 21.49 -28.78 10.03
C LEU A 52 21.84 -29.34 8.71
N LEU A 53 21.57 -28.60 7.67
CA LEU A 53 21.82 -29.10 6.34
C LEU A 53 22.90 -28.30 5.62
N PRO A 54 23.70 -28.95 4.85
CA PRO A 54 24.78 -28.28 4.15
C PRO A 54 24.40 -27.53 2.90
N LEU A 55 25.02 -26.37 2.69
CA LEU A 55 25.01 -25.68 1.45
C LEU A 55 26.46 -25.66 1.05
N ASN A 56 26.81 -26.51 0.11
CA ASN A 56 28.14 -26.57 -0.35
C ASN A 56 28.46 -25.65 -1.44
N HIS A 57 29.64 -25.86 -2.07
CA HIS A 57 30.10 -25.02 -3.16
C HIS A 57 29.21 -25.13 -4.39
N GLN A 58 28.44 -26.16 -4.48
CA GLN A 58 27.44 -26.19 -5.56
C GLN A 58 26.40 -25.12 -5.37
N THR A 59 26.25 -24.58 -4.19
CA THR A 59 25.18 -23.61 -3.95
C THR A 59 25.64 -22.24 -4.44
N PRO A 60 24.95 -21.69 -5.42
CA PRO A 60 25.39 -20.42 -6.01
C PRO A 60 25.13 -19.23 -5.13
N LEU A 61 25.93 -18.18 -5.29
CA LEU A 61 25.54 -16.86 -4.72
C LEU A 61 24.63 -16.15 -5.71
N VAL A 62 23.72 -15.36 -5.23
CA VAL A 62 22.94 -14.52 -6.03
C VAL A 62 22.87 -13.09 -5.53
N PHE A 63 23.06 -12.14 -6.42
CA PHE A 63 22.88 -10.72 -6.19
C PHE A 63 21.77 -10.22 -7.10
N GLN A 64 20.99 -9.23 -6.64
CA GLN A 64 19.94 -8.68 -7.48
C GLN A 64 20.14 -7.21 -7.80
N TRP A 65 19.93 -6.84 -9.07
CA TRP A 65 19.95 -5.45 -9.48
C TRP A 65 18.79 -5.18 -10.43
N PHE A 66 17.76 -4.54 -9.94
CA PHE A 66 16.58 -4.19 -10.74
C PHE A 66 16.66 -2.69 -10.87
N GLU A 67 16.77 -2.22 -12.08
CA GLU A 67 17.15 -0.86 -12.35
C GLU A 67 15.97 -0.13 -13.01
N ARG A 68 15.39 0.79 -12.26
CA ARG A 68 14.30 1.63 -12.76
C ARG A 68 14.74 2.64 -13.83
N ASN A 69 15.94 3.18 -13.72
CA ASN A 69 16.39 4.27 -14.60
C ASN A 69 17.71 3.92 -15.26
N PRO A 70 17.66 2.96 -16.18
CA PRO A 70 18.89 2.49 -16.80
C PRO A 70 19.59 3.54 -17.65
N ASP A 71 18.89 4.59 -18.03
CA ASP A 71 19.50 5.69 -18.78
C ASP A 71 20.47 6.51 -17.96
N ARG A 72 20.50 6.28 -16.65
CA ARG A 72 21.43 6.96 -15.81
C ARG A 72 22.80 6.36 -15.95
N PHE A 73 22.87 5.22 -16.61
CA PHE A 73 24.14 4.60 -16.94
C PHE A 73 24.45 4.85 -18.37
N GLY A 74 25.72 4.79 -18.73
CA GLY A 74 26.15 4.82 -20.11
C GLY A 74 25.50 3.70 -20.89
N GLN A 75 25.19 3.95 -22.13
CA GLN A 75 24.58 2.93 -22.98
C GLN A 75 25.47 1.68 -23.23
N ASN A 76 26.77 1.74 -23.00
CA ASN A 76 27.61 0.55 -23.14
C ASN A 76 28.27 0.14 -21.85
N GLU A 77 27.80 0.70 -20.76
CA GLU A 77 28.35 0.28 -19.46
C GLU A 77 27.48 -0.76 -18.78
N ILE A 78 28.06 -1.43 -17.80
CA ILE A 78 27.31 -2.35 -16.97
C ILE A 78 26.39 -1.48 -16.14
N PRO A 79 25.10 -1.74 -16.18
CA PRO A 79 24.12 -0.89 -15.50
C PRO A 79 23.88 -1.27 -14.04
N ILE A 80 24.96 -1.25 -13.24
CA ILE A 80 24.94 -1.55 -11.87
C ILE A 80 25.80 -0.50 -11.19
N ILE A 81 25.34 0.04 -10.08
CA ILE A 81 26.05 1.12 -9.44
C ILE A 81 27.44 0.67 -9.05
N ASN A 82 28.43 1.49 -9.35
CA ASN A 82 29.79 1.21 -8.94
C ASN A 82 30.58 2.49 -8.67
N THR A 83 30.10 3.23 -7.70
CA THR A 83 30.80 4.42 -7.23
C THR A 83 31.64 4.12 -6.00
N GLN A 84 32.46 5.09 -5.61
CA GLN A 84 33.30 4.95 -4.43
C GLN A 84 32.47 4.70 -3.23
N LYS A 85 31.36 5.40 -3.14
CA LYS A 85 30.42 5.27 -2.07
C LYS A 85 29.63 3.98 -2.09
N ASN A 86 29.20 3.57 -3.28
CA ASN A 86 28.46 2.31 -3.44
C ASN A 86 29.15 1.47 -4.54
N PRO A 87 30.24 0.80 -4.22
CA PRO A 87 30.98 0.08 -5.24
C PRO A 87 30.36 -1.32 -5.41
N TYR A 88 29.09 -1.36 -5.77
CA TYR A 88 28.37 -2.62 -5.75
C TYR A 88 28.86 -3.62 -6.77
N LEU A 89 29.17 -3.16 -7.96
CA LEU A 89 29.77 -4.05 -8.96
C LEU A 89 31.06 -4.60 -8.47
N ASN A 90 31.92 -3.77 -7.93
CA ASN A 90 33.16 -4.29 -7.38
C ASN A 90 32.93 -5.31 -6.27
N ASN A 91 31.90 -5.11 -5.42
CA ASN A 91 31.62 -6.04 -4.39
C ASN A 91 31.27 -7.39 -4.95
N ILE A 92 30.50 -7.38 -6.02
CA ILE A 92 30.09 -8.62 -6.67
C ILE A 92 31.31 -9.29 -7.32
N ILE A 93 32.12 -8.54 -8.07
CA ILE A 93 33.35 -9.11 -8.69
C ILE A 93 34.28 -9.73 -7.68
N ASN A 94 34.53 -9.02 -6.56
CA ASN A 94 35.35 -9.56 -5.52
C ASN A 94 34.82 -10.85 -4.99
N ALA A 95 33.53 -10.92 -4.83
CA ALA A 95 32.94 -12.16 -4.35
C ALA A 95 33.11 -13.29 -5.34
N ALA A 96 32.96 -13.00 -6.61
CA ALA A 96 33.15 -14.01 -7.66
C ALA A 96 34.59 -14.52 -7.68
N ILE A 97 35.54 -13.62 -7.54
CA ILE A 97 36.96 -14.00 -7.53
C ILE A 97 37.22 -14.91 -6.33
N ILE A 98 36.84 -14.48 -5.13
CA ILE A 98 37.07 -15.27 -3.93
C ILE A 98 36.42 -16.64 -4.04
N GLU A 99 35.17 -16.67 -4.51
CA GLU A 99 34.38 -17.93 -4.62
C GLU A 99 34.59 -18.56 -5.94
N LYS A 100 35.82 -18.85 -6.22
CA LYS A 100 36.23 -19.28 -7.53
C LYS A 100 35.57 -20.60 -7.91
N GLU A 101 35.17 -21.36 -6.93
CA GLU A 101 34.57 -22.67 -7.20
C GLU A 101 33.03 -22.65 -7.20
N ARG A 102 32.46 -21.46 -7.21
CA ARG A 102 31.03 -21.32 -7.12
C ARG A 102 30.51 -20.47 -8.21
N ILE A 103 29.24 -20.71 -8.58
CA ILE A 103 28.59 -19.80 -9.53
C ILE A 103 28.11 -18.59 -8.78
N ILE A 104 28.25 -17.44 -9.41
CA ILE A 104 27.78 -16.20 -8.89
C ILE A 104 26.70 -15.73 -9.87
N GLY A 105 25.47 -15.62 -9.41
CA GLY A 105 24.41 -15.07 -10.25
C GLY A 105 24.19 -13.60 -10.13
N ILE A 106 23.87 -12.89 -11.21
CA ILE A 106 23.45 -11.51 -11.07
C ILE A 106 22.07 -11.46 -11.71
N PHE A 107 21.07 -11.31 -10.85
CA PHE A 107 19.65 -11.40 -11.24
C PHE A 107 19.20 -9.97 -11.49
N VAL A 108 18.85 -9.68 -12.75
CA VAL A 108 18.58 -8.31 -13.14
C VAL A 108 17.21 -8.13 -13.84
N ASP A 109 16.73 -6.89 -13.78
CA ASP A 109 15.58 -6.47 -14.55
C ASP A 109 15.66 -4.98 -14.81
N GLY A 110 14.96 -4.54 -15.85
CA GLY A 110 15.00 -3.13 -16.25
C GLY A 110 15.05 -3.10 -17.74
N ASP A 111 14.80 -1.92 -18.29
CA ASP A 111 14.79 -1.73 -19.71
C ASP A 111 16.19 -1.41 -20.23
N PHE A 112 17.09 -2.38 -20.14
CA PHE A 112 18.44 -2.11 -20.51
C PHE A 112 18.55 -1.94 -22.02
N SER A 113 19.51 -1.12 -22.44
CA SER A 113 19.85 -1.02 -23.84
C SER A 113 20.67 -2.23 -24.30
N LYS A 114 20.79 -2.39 -25.59
CA LYS A 114 21.51 -3.50 -26.15
C LYS A 114 22.94 -3.42 -25.74
N GLY A 115 23.46 -2.20 -25.68
CA GLY A 115 24.83 -2.02 -25.27
C GLY A 115 25.03 -2.42 -23.82
N GLN A 116 24.06 -2.14 -22.99
CA GLN A 116 24.10 -2.54 -21.60
C GLN A 116 24.05 -4.04 -21.45
N ARG A 117 23.21 -4.72 -22.23
CA ARG A 117 23.17 -6.17 -22.24
C ARG A 117 24.49 -6.74 -22.69
N LYS A 118 25.09 -6.13 -23.70
CA LYS A 118 26.38 -6.58 -24.14
C LYS A 118 27.45 -6.35 -23.09
N ALA A 119 27.38 -5.26 -22.34
CA ALA A 119 28.33 -5.01 -21.29
C ALA A 119 28.20 -6.08 -20.22
N LEU A 120 26.98 -6.49 -19.91
CA LEU A 120 26.78 -7.60 -18.98
C LEU A 120 27.35 -8.86 -19.51
N GLY A 121 27.22 -9.07 -20.82
CA GLY A 121 27.81 -10.24 -21.48
C GLY A 121 29.29 -10.28 -21.34
N LYS A 122 29.91 -9.13 -21.45
CA LYS A 122 31.37 -9.05 -21.34
C LYS A 122 31.85 -9.36 -19.93
N LEU A 123 31.05 -8.97 -18.94
CA LEU A 123 31.33 -9.34 -17.58
C LEU A 123 31.38 -10.86 -17.43
N GLU A 124 30.45 -11.54 -18.03
CA GLU A 124 30.42 -13.02 -18.05
C GLU A 124 31.60 -13.65 -18.72
N GLN A 125 32.10 -13.05 -19.76
CA GLN A 125 33.31 -13.57 -20.41
C GLN A 125 34.57 -13.35 -19.61
N ASN A 126 34.67 -12.23 -18.92
CA ASN A 126 35.79 -11.90 -18.09
C ASN A 126 35.88 -12.63 -16.78
N TYR A 127 34.74 -12.95 -16.17
CA TYR A 127 34.72 -13.70 -14.92
C TYR A 127 33.86 -14.90 -15.17
N ARG A 128 34.49 -16.01 -15.34
CA ARG A 128 33.82 -17.17 -15.91
C ARG A 128 32.76 -17.78 -14.98
N ASN A 129 32.75 -17.40 -13.70
CA ASN A 129 31.70 -17.93 -12.85
C ASN A 129 30.55 -17.00 -12.67
N ILE A 130 30.57 -15.81 -13.29
CA ILE A 130 29.48 -14.89 -13.16
C ILE A 130 28.44 -15.17 -14.25
N LYS A 131 27.19 -15.35 -13.84
CA LYS A 131 26.07 -15.61 -14.75
C LYS A 131 24.99 -14.61 -14.59
N VAL A 132 24.67 -13.89 -15.65
CA VAL A 132 23.65 -12.89 -15.62
C VAL A 132 22.30 -13.49 -15.96
N ILE A 133 21.34 -13.32 -15.07
CA ILE A 133 19.98 -13.84 -15.31
C ILE A 133 18.99 -12.67 -15.42
N TYR A 134 18.37 -12.52 -16.60
CA TYR A 134 17.33 -11.52 -16.75
C TYR A 134 15.98 -12.05 -16.24
N ASN A 135 15.31 -11.25 -15.47
CA ASN A 135 14.04 -11.62 -14.90
C ASN A 135 13.03 -11.95 -16.03
N SER A 136 13.24 -11.36 -17.18
CA SER A 136 12.43 -11.58 -18.41
C SER A 136 12.43 -12.96 -18.91
N ASP A 137 13.49 -13.68 -18.62
CA ASP A 137 13.69 -15.00 -19.12
C ASP A 137 13.15 -16.07 -18.23
N LEU A 138 12.58 -15.70 -17.09
CA LEU A 138 12.13 -16.69 -16.20
C LEU A 138 10.59 -16.74 -16.18
N ASN A 139 10.05 -17.92 -16.08
CA ASN A 139 8.57 -18.11 -16.03
C ASN A 139 8.12 -18.36 -14.59
N TYR A 140 7.36 -17.46 -14.07
CA TYR A 140 6.86 -17.56 -12.71
C TYR A 140 5.35 -17.93 -12.66
N SER A 141 4.79 -18.37 -13.75
CA SER A 141 3.36 -18.60 -13.80
C SER A 141 2.90 -19.68 -12.86
N MET A 142 3.75 -20.60 -12.48
CA MET A 142 3.39 -21.60 -11.53
C MET A 142 3.15 -21.04 -10.13
N TYR A 143 3.59 -19.83 -9.85
CA TYR A 143 3.40 -19.27 -8.53
C TYR A 143 2.36 -18.12 -8.53
N ASP A 144 1.69 -17.87 -9.67
CA ASP A 144 0.87 -16.71 -9.85
C ASP A 144 -0.61 -17.06 -9.48
N LYS A 145 -1.46 -16.04 -9.37
CA LYS A 145 -2.86 -16.24 -9.01
C LYS A 145 -3.64 -15.04 -9.41
N LYS A 146 -4.88 -15.25 -9.91
CA LYS A 146 -5.65 -14.10 -10.29
C LYS A 146 -6.15 -13.41 -9.02
N LEU A 147 -6.20 -12.10 -9.04
CA LEU A 147 -6.65 -11.33 -7.91
C LEU A 147 -8.11 -11.61 -7.64
N THR A 148 -8.89 -11.91 -8.68
CA THR A 148 -10.29 -12.28 -8.46
C THR A 148 -10.38 -13.55 -7.66
N THR A 149 -9.51 -14.52 -7.91
CA THR A 149 -9.63 -15.74 -7.17
C THR A 149 -9.38 -15.44 -5.71
N ILE A 150 -8.41 -14.57 -5.43
CA ILE A 150 -8.03 -14.30 -4.04
C ILE A 150 -9.22 -13.64 -3.35
N TYR A 151 -9.79 -12.67 -4.00
CA TYR A 151 -10.88 -11.94 -3.39
C TYR A 151 -12.06 -12.86 -3.16
N LEU A 152 -12.41 -13.67 -4.14
CA LEU A 152 -13.56 -14.57 -3.97
C LEU A 152 -13.39 -15.51 -2.83
N GLU A 153 -12.18 -16.01 -2.67
CA GLU A 153 -11.93 -16.92 -1.59
C GLU A 153 -12.10 -16.17 -0.33
N ASN A 154 -11.70 -14.91 -0.32
CA ASN A 154 -11.80 -14.14 0.89
C ASN A 154 -13.28 -13.91 1.20
N ILE A 155 -14.06 -13.56 0.19
CA ILE A 155 -15.48 -13.26 0.37
C ILE A 155 -16.19 -14.47 0.91
N THR A 156 -15.92 -15.62 0.31
CA THR A 156 -16.45 -16.87 0.76
C THR A 156 -16.13 -17.20 2.20
N LYS A 157 -14.88 -17.05 2.61
CA LYS A 157 -14.51 -17.29 4.02
C LYS A 157 -15.19 -16.26 4.92
N LEU A 158 -15.24 -15.02 4.47
CA LEU A 158 -15.62 -13.95 5.35
C LEU A 158 -17.15 -13.87 5.46
N GLU A 159 -17.82 -14.72 4.72
CA GLU A 159 -19.18 -15.11 5.06
C GLU A 159 -19.10 -16.43 5.83
N ALA A 160 -18.70 -16.25 7.10
CA ALA A 160 -18.58 -17.29 8.13
C ALA A 160 -17.53 -16.84 9.14
N ARG A 166 -16.78 -12.66 12.58
CA ARG A 166 -16.97 -12.68 14.04
C ARG A 166 -16.67 -11.35 14.73
N ASP A 167 -16.27 -10.34 14.01
CA ASP A 167 -15.55 -9.18 14.48
C ASP A 167 -15.81 -8.02 13.53
N GLU A 168 -15.53 -6.81 14.01
CA GLU A 168 -15.57 -5.58 13.23
C GLU A 168 -14.57 -5.65 12.07
N VAL A 169 -13.41 -6.22 12.35
CA VAL A 169 -12.32 -6.27 11.38
C VAL A 169 -12.77 -6.99 10.14
N LEU A 170 -13.44 -8.10 10.38
CA LEU A 170 -13.93 -8.92 9.31
C LEU A 170 -14.94 -8.18 8.44
N LEU A 171 -15.92 -7.53 9.04
CA LEU A 171 -16.94 -6.90 8.26
C LEU A 171 -16.35 -5.74 7.45
N ASN A 172 -15.39 -5.03 8.02
CA ASN A 172 -14.67 -4.06 7.23
C ASN A 172 -13.93 -4.71 6.09
N GLY A 173 -13.28 -5.83 6.40
CA GLY A 173 -12.54 -6.62 5.44
C GLY A 173 -13.43 -7.09 4.33
N VAL A 174 -14.60 -7.59 4.70
CA VAL A 174 -15.48 -8.15 3.71
C VAL A 174 -15.88 -7.07 2.74
N LYS A 175 -16.27 -5.90 3.23
CA LYS A 175 -16.83 -4.89 2.31
C LYS A 175 -15.75 -4.43 1.35
N LYS A 176 -14.59 -4.18 1.91
CA LYS A 176 -13.56 -3.62 1.14
C LYS A 176 -13.00 -4.61 0.11
N SER A 177 -12.90 -5.87 0.48
CA SER A 177 -12.53 -6.89 -0.49
C SER A 177 -13.57 -7.00 -1.61
N LEU A 178 -14.84 -6.91 -1.21
CA LEU A 178 -15.92 -7.05 -2.14
C LEU A 178 -15.77 -5.96 -3.16
N GLU A 179 -15.36 -4.82 -2.66
CA GLU A 179 -15.15 -3.66 -3.44
C GLU A 179 -14.02 -3.89 -4.40
N ASP A 180 -12.99 -4.57 -3.90
CA ASP A 180 -11.79 -4.82 -4.68
C ASP A 180 -12.11 -5.63 -5.92
N VAL A 181 -12.98 -6.62 -5.77
CA VAL A 181 -13.35 -7.48 -6.87
C VAL A 181 -14.00 -6.71 -7.99
N LEU A 182 -14.85 -5.77 -7.62
CA LEU A 182 -15.73 -5.20 -8.62
C LEU A 182 -14.87 -4.58 -9.71
N LYS A 183 -13.80 -3.90 -9.32
CA LYS A 183 -12.74 -3.52 -10.26
C LYS A 183 -12.11 -4.74 -10.95
N ASN A 185 -9.86 -4.21 -15.03
CA ASN A 185 -8.70 -5.05 -15.32
C ASN A 185 -8.91 -6.44 -14.78
N PRO A 186 -9.96 -7.15 -15.30
CA PRO A 186 -10.25 -8.39 -14.59
C PRO A 186 -9.27 -9.52 -14.75
N GLU A 187 -8.35 -9.43 -15.69
CA GLU A 187 -7.39 -10.51 -15.91
C GLU A 187 -6.19 -10.40 -14.95
N GLU A 188 -6.17 -9.38 -14.12
CA GLU A 188 -5.00 -9.07 -13.33
C GLU A 188 -4.62 -10.21 -12.38
N THR A 189 -3.31 -10.46 -12.28
CA THR A 189 -2.77 -11.44 -11.34
C THR A 189 -1.78 -10.78 -10.40
N LEU A 190 -1.27 -11.51 -9.43
CA LEU A 190 -0.16 -11.02 -8.59
C LEU A 190 1.00 -10.52 -9.38
N ILE A 191 1.36 -11.24 -10.42
CA ILE A 191 2.44 -10.81 -11.29
C ILE A 191 2.13 -9.56 -12.08
N SER A 192 0.94 -9.47 -12.69
CA SER A 192 0.64 -8.29 -13.49
C SER A 192 0.56 -7.07 -12.63
N SER A 193 -0.02 -7.14 -11.45
CA SER A 193 -0.03 -5.96 -10.57
C SER A 193 1.33 -5.54 -10.11
N HIS A 194 2.17 -6.48 -9.67
CA HIS A 194 3.53 -6.15 -9.28
C HIS A 194 4.36 -5.66 -10.47
N ASN A 195 3.98 -6.09 -11.66
CA ASN A 195 4.64 -5.63 -12.87
C ASN A 195 4.46 -4.16 -13.11
N LYS A 196 3.40 -3.59 -12.56
CA LYS A 196 3.14 -2.16 -12.60
C LYS A 196 3.95 -1.23 -11.69
N ASP A 197 4.25 -1.65 -10.48
CA ASP A 197 5.18 -0.92 -9.60
C ASP A 197 6.60 -1.02 -10.19
N LYS A 198 7.40 0.02 -10.09
CA LYS A 198 8.83 -0.16 -10.37
C LYS A 198 9.68 0.25 -9.18
N GLY A 199 9.17 -0.12 -8.02
CA GLY A 199 9.71 0.27 -6.74
C GLY A 199 10.11 -0.95 -5.96
N HIS A 200 10.07 -0.81 -4.63
CA HIS A 200 10.53 -1.87 -3.82
C HIS A 200 9.67 -3.11 -3.95
N LEU A 201 8.38 -2.96 -4.25
CA LEU A 201 7.54 -4.11 -4.31
C LEU A 201 7.90 -5.00 -5.46
N TRP A 202 8.25 -4.40 -6.57
CA TRP A 202 8.69 -5.10 -7.74
C TRP A 202 9.97 -5.88 -7.40
N PHE A 203 10.93 -5.22 -6.82
CA PHE A 203 12.15 -5.90 -6.41
C PHE A 203 11.86 -7.03 -5.48
N ASP A 204 11.16 -6.75 -4.38
CA ASP A 204 10.94 -7.76 -3.37
C ASP A 204 10.12 -8.96 -3.83
N PHE A 205 9.06 -8.73 -4.60
CA PHE A 205 8.26 -9.80 -5.03
C PHE A 205 9.10 -10.73 -5.90
N TYR A 206 9.83 -10.19 -6.85
CA TYR A 206 10.69 -11.04 -7.69
C TYR A 206 11.91 -11.70 -6.96
N ARG A 207 12.44 -11.07 -5.94
CA ARG A 207 13.46 -11.72 -5.15
C ARG A 207 12.89 -12.91 -4.54
N ASN A 208 11.68 -12.77 -3.96
CA ASN A 208 11.08 -13.89 -3.26
C ASN A 208 10.75 -15.05 -4.17
N LEU A 209 10.20 -14.78 -5.36
CA LEU A 209 9.97 -15.80 -6.33
C LEU A 209 11.24 -16.45 -6.84
N PHE A 210 12.29 -15.66 -7.07
CA PHE A 210 13.56 -16.23 -7.46
C PHE A 210 14.03 -17.25 -6.47
N LEU A 211 13.94 -16.92 -5.22
CA LEU A 211 14.36 -17.80 -4.16
C LEU A 211 13.59 -19.07 -4.15
N LEU A 212 12.31 -19.07 -4.63
CA LEU A 212 11.61 -20.30 -4.78
C LEU A 212 12.23 -21.21 -5.88
N LYS A 213 12.68 -20.60 -6.96
CA LYS A 213 13.36 -21.34 -8.04
C LYS A 213 14.76 -21.79 -7.66
N GLY A 214 15.48 -21.05 -6.85
CA GLY A 214 16.79 -21.46 -6.46
C GLY A 214 17.74 -21.69 -7.61
N SER A 215 18.51 -22.75 -7.52
CA SER A 215 19.51 -23.07 -8.52
C SER A 215 18.86 -23.28 -9.84
N ASP A 216 17.60 -23.69 -9.82
CA ASP A 216 16.87 -23.93 -11.08
C ASP A 216 16.75 -22.68 -11.96
N ALA A 217 16.81 -21.48 -11.37
CA ALA A 217 16.74 -20.30 -12.12
C ALA A 217 17.87 -20.22 -13.12
N PHE A 218 19.03 -20.69 -12.74
CA PHE A 218 20.21 -20.70 -13.66
C PHE A 218 19.99 -21.70 -14.81
N LEU A 219 19.47 -22.88 -14.48
CA LEU A 219 19.16 -23.87 -15.45
C LEU A 219 18.08 -23.43 -16.41
N GLU A 220 17.03 -22.81 -15.90
CA GLU A 220 15.97 -22.30 -16.71
C GLU A 220 16.40 -21.19 -17.67
N ALA A 221 17.34 -20.37 -17.23
CA ALA A 221 17.93 -19.36 -18.04
C ALA A 221 18.91 -19.87 -19.06
N GLY A 222 19.28 -21.13 -18.95
CA GLY A 222 20.21 -21.74 -19.88
C GLY A 222 21.64 -21.21 -19.78
N LYS A 223 22.09 -20.88 -18.57
CA LYS A 223 23.40 -20.35 -18.42
C LYS A 223 24.50 -21.37 -18.68
N PRO A 224 25.53 -20.97 -19.45
CA PRO A 224 26.68 -21.81 -19.65
C PRO A 224 27.46 -22.09 -18.38
N GLY A 225 28.10 -23.22 -18.28
CA GLY A 225 29.05 -23.55 -17.24
C GLY A 225 28.39 -23.73 -15.87
N CYS A 226 27.11 -24.14 -15.87
CA CYS A 226 26.34 -24.43 -14.69
C CYS A 226 26.11 -25.89 -14.39
N HIS A 227 26.99 -26.73 -14.95
CA HIS A 227 26.94 -28.15 -14.78
C HIS A 227 27.13 -28.64 -13.37
N HIS A 228 27.77 -27.87 -12.52
CA HIS A 228 27.91 -28.27 -11.11
C HIS A 228 26.78 -27.89 -10.24
N LEU A 229 25.81 -27.10 -10.69
CA LEU A 229 24.64 -26.77 -9.81
C LEU A 229 23.86 -28.04 -9.54
N GLN A 230 23.25 -28.15 -8.39
CA GLN A 230 22.34 -29.25 -8.12
C GLN A 230 20.96 -28.84 -8.61
N PRO A 231 20.41 -29.62 -9.52
CA PRO A 231 19.01 -29.39 -9.92
C PRO A 231 18.08 -29.49 -8.68
N GLY A 232 17.18 -28.54 -8.53
CA GLY A 232 16.37 -28.41 -7.33
C GLY A 232 17.17 -27.83 -6.18
N GLY A 233 18.42 -27.37 -6.43
CA GLY A 233 19.26 -26.84 -5.39
C GLY A 233 18.90 -25.41 -4.99
N GLY A 234 19.55 -24.91 -3.96
CA GLY A 234 19.26 -23.57 -3.42
C GLY A 234 20.17 -22.46 -3.93
N CYS A 235 20.28 -21.38 -3.15
CA CYS A 235 21.09 -20.29 -3.48
C CYS A 235 21.41 -19.50 -2.19
N ILE A 236 22.45 -18.73 -2.23
CA ILE A 236 22.77 -17.79 -1.16
C ILE A 236 22.60 -16.43 -1.72
N TYR A 237 21.49 -15.81 -1.39
CA TYR A 237 21.14 -14.52 -1.89
C TYR A 237 21.74 -13.43 -0.97
N LEU A 238 22.36 -12.44 -1.61
CA LEU A 238 23.07 -11.36 -0.94
C LEU A 238 22.79 -10.04 -1.49
N ASP A 239 22.68 -9.04 -0.59
CA ASP A 239 22.67 -7.65 -0.96
C ASP A 239 24.02 -7.36 -1.55
N ALA A 240 24.07 -6.57 -2.59
CA ALA A 240 25.39 -6.24 -3.20
C ALA A 240 26.20 -5.25 -2.37
N ASP A 241 25.59 -4.70 -1.35
CA ASP A 241 26.28 -3.81 -0.44
C ASP A 241 26.89 -4.66 0.62
N MET A 242 27.94 -5.39 0.28
CA MET A 242 28.59 -6.27 1.25
C MET A 242 30.05 -6.51 0.85
N LEU A 243 30.83 -6.92 1.80
CA LEU A 243 32.24 -7.24 1.57
C LEU A 243 32.46 -8.65 1.97
N LEU A 244 32.99 -9.48 1.08
CA LEU A 244 33.38 -10.80 1.39
C LEU A 244 34.88 -10.76 1.53
N THR A 245 35.39 -11.25 2.64
CA THR A 245 36.83 -11.14 2.89
C THR A 245 37.59 -12.38 2.63
N ASP A 246 36.92 -13.50 2.49
CA ASP A 246 37.51 -14.80 2.25
C ASP A 246 36.45 -15.82 1.95
N LYS A 247 36.82 -17.04 1.60
CA LYS A 247 35.90 -18.06 1.10
C LYS A 247 34.84 -18.36 2.16
N LEU A 248 33.62 -18.57 1.72
CA LEU A 248 32.54 -19.02 2.63
C LEU A 248 32.66 -20.45 3.04
N GLY A 249 33.04 -21.34 2.13
CA GLY A 249 32.99 -22.76 2.37
C GLY A 249 31.56 -23.25 2.46
N THR A 250 31.42 -24.41 3.04
CA THR A 250 30.13 -25.00 3.29
C THR A 250 29.45 -24.33 4.51
N LEU A 251 28.18 -24.02 4.34
CA LEU A 251 27.36 -23.50 5.40
C LEU A 251 26.44 -24.62 5.92
N TYR A 252 26.15 -24.61 7.20
CA TYR A 252 25.25 -25.61 7.77
C TYR A 252 24.11 -24.87 8.40
N LEU A 253 22.94 -25.01 7.84
CA LEU A 253 21.82 -24.16 8.25
C LEU A 253 20.67 -24.97 8.76
N PRO A 254 19.93 -24.45 9.73
CA PRO A 254 18.76 -25.21 10.24
C PRO A 254 17.67 -25.37 9.20
N ASP A 255 17.38 -26.61 8.92
CA ASP A 255 16.53 -27.01 7.85
C ASP A 255 16.97 -26.40 6.59
N GLY A 256 18.24 -26.10 6.45
CA GLY A 256 18.75 -25.57 5.23
C GLY A 256 18.36 -24.18 4.94
N ILE A 257 18.04 -23.39 5.94
CA ILE A 257 17.68 -21.98 5.68
C ILE A 257 18.18 -21.05 6.76
N ALA A 258 18.63 -19.86 6.38
CA ALA A 258 18.97 -18.82 7.31
C ALA A 258 18.82 -17.43 6.71
N ILE A 259 18.68 -16.42 7.57
CA ILE A 259 18.47 -15.04 7.14
C ILE A 259 19.28 -14.08 7.96
N HIS A 260 19.66 -12.95 7.34
CA HIS A 260 20.32 -11.84 7.97
C HIS A 260 19.50 -11.36 9.16
N VAL A 261 20.17 -11.17 10.26
CA VAL A 261 19.57 -10.52 11.44
C VAL A 261 20.48 -9.38 11.85
N SER A 262 19.90 -8.22 12.13
CA SER A 262 20.66 -7.11 12.69
C SER A 262 20.43 -6.97 14.17
N ARG A 263 21.47 -6.69 14.92
CA ARG A 263 21.32 -6.65 16.39
C ARG A 263 21.67 -5.29 16.93
N ASP A 265 20.67 -2.40 19.06
CA ASP A 265 21.64 -2.54 20.14
C ASP A 265 21.04 -3.31 21.30
N ASN A 266 19.88 -2.87 21.77
CA ASN A 266 19.00 -3.69 22.55
C ASN A 266 18.00 -4.35 21.64
N HIS A 267 18.04 -4.03 20.37
CA HIS A 267 16.97 -4.46 19.49
C HIS A 267 17.49 -5.44 18.46
N VAL A 268 16.57 -6.21 17.93
CA VAL A 268 16.92 -7.25 16.97
C VAL A 268 15.85 -7.28 15.91
N SER A 269 16.24 -7.55 14.66
CA SER A 269 15.31 -7.58 13.57
C SER A 269 15.78 -8.53 12.49
N LEU A 270 14.83 -9.20 11.87
CA LEU A 270 15.05 -9.85 10.60
C LEU A 270 15.39 -8.80 9.61
N GLU A 271 16.33 -9.10 8.70
CA GLU A 271 16.75 -8.19 7.64
C GLU A 271 16.79 -8.96 6.34
N ASN A 272 16.87 -8.27 5.21
CA ASN A 272 16.71 -8.96 3.94
C ASN A 272 17.96 -8.97 3.07
N GLY A 273 19.10 -8.64 3.63
CA GLY A 273 20.33 -8.62 2.93
C GLY A 273 21.03 -9.98 2.71
N ILE A 274 20.65 -11.00 3.42
CA ILE A 274 21.16 -12.35 3.23
C ILE A 274 20.00 -13.28 3.42
N ILE A 275 19.68 -14.12 2.40
CA ILE A 275 18.78 -15.19 2.51
C ILE A 275 19.38 -16.44 1.88
N ALA A 276 19.58 -17.47 2.68
CA ALA A 276 20.23 -18.68 2.18
C ALA A 276 19.30 -19.85 2.33
N VAL A 277 19.12 -20.61 1.24
CA VAL A 277 18.30 -21.82 1.24
C VAL A 277 18.99 -22.94 0.51
N ASN A 278 18.81 -24.16 0.96
CA ASN A 278 19.51 -25.30 0.41
C ASN A 278 18.81 -25.97 -0.72
N ARG A 279 17.58 -25.52 -1.03
CA ARG A 279 16.81 -26.24 -2.04
C ARG A 279 15.71 -25.40 -2.57
N SER A 280 15.27 -25.66 -3.78
CA SER A 280 14.24 -24.85 -4.39
C SER A 280 12.91 -25.18 -3.69
N GLU A 281 11.99 -24.24 -3.77
CA GLU A 281 10.64 -24.40 -3.15
C GLU A 281 10.76 -24.85 -1.74
N HIS A 282 11.59 -24.12 -0.98
CA HIS A 282 11.80 -24.51 0.39
C HIS A 282 10.43 -24.28 1.07
N PRO A 283 10.06 -25.18 1.95
CA PRO A 283 8.71 -25.10 2.52
C PRO A 283 8.46 -23.89 3.35
N ALA A 284 9.48 -23.35 3.96
CA ALA A 284 9.31 -22.13 4.71
C ALA A 284 9.03 -20.96 3.78
N LEU A 285 9.59 -20.98 2.59
CA LEU A 285 9.28 -19.95 1.62
C LEU A 285 7.93 -20.20 0.95
N ILE A 286 7.54 -21.45 0.76
CA ILE A 286 6.22 -21.78 0.16
C ILE A 286 5.14 -21.29 1.12
N LYS A 287 5.42 -21.33 2.40
CA LYS A 287 4.51 -20.78 3.40
C LYS A 287 4.19 -19.32 3.20
N GLY A 288 5.20 -18.53 2.87
CA GLY A 288 5.07 -17.14 2.56
C GLY A 288 4.23 -16.99 1.33
N LEU A 289 4.49 -17.84 0.36
CA LEU A 289 3.74 -17.75 -0.88
C LEU A 289 2.24 -18.03 -0.61
N GLU A 290 1.94 -19.05 0.19
CA GLU A 290 0.52 -19.40 0.51
C GLU A 290 -0.14 -18.20 1.19
N ILE A 291 0.58 -17.50 2.04
CA ILE A 291 0.08 -16.27 2.64
C ILE A 291 -0.23 -15.19 1.62
N MET A 292 0.66 -14.97 0.68
CA MET A 292 0.42 -14.01 -0.34
C MET A 292 -0.78 -14.45 -1.18
N HIS A 293 -0.92 -15.74 -1.37
CA HIS A 293 -2.00 -16.26 -2.17
C HIS A 293 -3.37 -16.19 -1.48
N SER A 294 -3.37 -16.00 -0.18
CA SER A 294 -4.57 -16.06 0.59
C SER A 294 -5.02 -14.68 1.09
N LYS A 295 -4.15 -13.69 1.05
CA LYS A 295 -4.44 -12.41 1.60
C LYS A 295 -4.63 -11.39 0.52
N PRO A 296 -5.65 -10.56 0.67
CA PRO A 296 -5.88 -9.49 -0.26
C PRO A 296 -4.86 -8.36 -0.20
N TYR A 297 -4.31 -8.05 0.95
CA TYR A 297 -3.60 -6.76 1.08
C TYR A 297 -2.22 -7.06 1.56
N GLY A 298 -1.25 -6.27 1.08
CA GLY A 298 0.12 -6.30 1.60
C GLY A 298 0.22 -5.68 2.99
N ASP A 299 1.18 -6.14 3.80
CA ASP A 299 1.54 -5.52 5.08
C ASP A 299 2.99 -4.94 4.93
N PRO A 300 3.17 -3.56 5.01
CA PRO A 300 4.50 -3.13 4.49
C PRO A 300 5.72 -3.53 5.32
N TYR A 301 5.61 -3.43 6.63
CA TYR A 301 6.76 -3.81 7.47
C TYR A 301 7.00 -5.34 7.61
N ASN A 302 5.95 -6.12 7.71
CA ASN A 302 6.10 -7.53 7.82
C ASN A 302 5.70 -8.18 6.51
N ASP A 303 6.69 -8.44 5.69
CA ASP A 303 6.53 -8.95 4.37
C ASP A 303 6.21 -10.41 4.42
N TRP A 304 5.76 -10.93 3.28
CA TRP A 304 5.32 -12.30 3.27
C TRP A 304 6.46 -13.27 3.44
N LEU A 305 7.67 -12.92 3.05
CA LEU A 305 8.77 -13.84 3.29
C LEU A 305 8.99 -13.98 4.74
N SER A 306 9.08 -12.88 5.47
CA SER A 306 9.25 -12.95 6.91
C SER A 306 8.09 -13.65 7.58
N LYS A 307 6.87 -13.32 7.19
CA LYS A 307 5.72 -13.89 7.83
C LYS A 307 5.71 -15.36 7.63
N GLY A 308 6.07 -15.80 6.43
CA GLY A 308 6.12 -17.21 6.11
C GLY A 308 7.13 -17.96 6.94
N LEU A 309 8.29 -17.35 7.11
CA LEU A 309 9.37 -17.99 7.91
C LEU A 309 8.88 -18.24 9.36
N ARG A 310 8.34 -17.20 9.97
CA ARG A 310 7.93 -17.31 11.34
C ARG A 310 6.75 -18.29 11.48
N HIS A 311 5.81 -18.22 10.55
CA HIS A 311 4.73 -19.15 10.54
C HIS A 311 5.16 -20.62 10.36
N TYR A 312 6.11 -20.88 9.46
CA TYR A 312 6.61 -22.21 9.30
C TYR A 312 7.32 -22.72 10.53
N PHE A 313 8.18 -21.91 11.12
CA PHE A 313 8.99 -22.34 12.25
C PHE A 313 8.32 -22.20 13.64
N ASP A 314 7.34 -21.33 13.74
CA ASP A 314 6.61 -21.13 15.00
C ASP A 314 5.26 -20.52 14.74
N GLY A 315 4.35 -21.29 14.18
CA GLY A 315 3.04 -20.73 13.79
C GLY A 315 2.35 -20.16 15.01
N SER A 316 2.56 -20.83 16.15
CA SER A 316 1.97 -20.42 17.44
C SER A 316 2.61 -19.24 18.15
N HIS A 317 3.87 -18.92 17.84
CA HIS A 317 4.62 -17.90 18.58
C HIS A 317 4.86 -18.23 20.05
N ILE A 318 5.15 -19.49 20.35
CA ILE A 318 5.50 -19.90 21.71
C ILE A 318 6.85 -19.43 22.12
N GLN A 319 7.73 -19.15 21.15
CA GLN A 319 8.98 -18.52 21.48
C GLN A 319 8.84 -17.10 20.98
N ASP A 320 9.59 -16.19 21.56
CA ASP A 320 9.49 -14.80 21.22
C ASP A 320 10.24 -14.52 19.91
N TYR A 321 10.09 -13.30 19.41
CA TYR A 321 10.71 -12.91 18.16
C TYR A 321 12.20 -13.04 18.31
N ASP A 322 12.71 -12.63 19.47
CA ASP A 322 14.14 -12.68 19.73
C ASP A 322 14.71 -14.09 19.60
N ALA A 323 13.99 -15.06 20.13
CA ALA A 323 14.40 -16.44 20.04
C ALA A 323 14.37 -16.93 18.59
N PHE A 324 13.39 -16.48 17.82
CA PHE A 324 13.30 -16.84 16.44
C PHE A 324 14.50 -16.25 15.67
N CYS A 325 14.82 -15.00 15.97
CA CYS A 325 15.96 -14.36 15.37
C CYS A 325 17.26 -15.06 15.67
N ASP A 326 17.46 -15.47 16.91
CA ASP A 326 18.62 -16.24 17.25
C ASP A 326 18.68 -17.53 16.50
N PHE A 327 17.59 -18.19 16.36
CA PHE A 327 17.50 -19.45 15.63
C PHE A 327 17.82 -19.31 14.13
N ILE A 328 17.21 -18.36 13.46
CA ILE A 328 17.30 -18.30 12.01
C ILE A 328 18.54 -17.58 11.51
N GLU A 329 19.31 -16.92 12.38
CA GLU A 329 20.26 -15.96 11.97
C GLU A 329 21.37 -16.55 11.07
N PHE A 330 21.69 -15.83 10.03
CA PHE A 330 22.78 -16.22 9.15
C PHE A 330 24.01 -15.53 9.68
N LYS A 331 25.00 -16.27 10.08
CA LYS A 331 26.19 -15.66 10.64
C LYS A 331 27.43 -16.19 9.98
N HIS A 332 28.20 -15.30 9.40
CA HIS A 332 29.50 -15.72 8.81
C HIS A 332 30.53 -14.61 8.96
N GLU A 333 31.66 -14.99 9.54
CA GLU A 333 32.69 -14.00 9.88
C GLU A 333 33.33 -13.36 8.63
N ASN A 334 33.21 -14.02 7.48
CA ASN A 334 33.81 -13.50 6.27
C ASN A 334 32.93 -12.58 5.50
N ILE A 335 31.70 -12.33 5.93
CA ILE A 335 30.84 -11.39 5.28
C ILE A 335 30.59 -10.17 6.15
N ILE A 336 30.78 -8.99 5.60
CA ILE A 336 30.45 -7.74 6.31
C ILE A 336 29.37 -7.05 5.53
N MET A 337 28.18 -6.93 6.12
CA MET A 337 27.02 -6.35 5.46
C MET A 337 26.92 -4.84 5.58
N ASN A 338 26.31 -4.28 4.56
CA ASN A 338 26.12 -2.84 4.42
C ASN A 338 27.36 -2.00 4.75
N THR A 339 28.44 -2.27 4.01
CA THR A 339 29.72 -1.58 4.19
C THR A 339 29.66 -0.10 3.81
N SER A 340 28.60 0.29 3.09
CA SER A 340 28.60 1.59 2.42
C SER A 340 27.99 2.75 3.23
N SER B 39 -36.37 20.64 17.95
CA SER B 39 -36.59 19.17 18.04
C SER B 39 -36.12 18.65 19.43
N SER B 40 -36.76 17.58 19.94
CA SER B 40 -36.46 17.01 21.27
C SER B 40 -35.00 16.55 21.31
N GLY B 41 -34.57 15.96 20.19
CA GLY B 41 -33.23 16.12 19.65
C GLY B 41 -31.99 15.62 20.36
N HIS B 42 -32.03 14.38 20.84
CA HIS B 42 -30.77 13.80 21.33
C HIS B 42 -30.69 12.33 21.17
N VAL B 43 -29.47 11.84 21.11
CA VAL B 43 -29.23 10.46 20.84
C VAL B 43 -28.11 10.04 21.75
N SER B 44 -28.04 8.73 22.01
CA SER B 44 -26.97 8.24 22.84
C SER B 44 -26.18 7.16 22.20
N PHE B 45 -24.89 7.16 22.48
CA PHE B 45 -24.03 6.07 22.01
C PHE B 45 -22.91 5.85 22.97
N ALA B 46 -22.70 4.56 23.29
CA ALA B 46 -21.65 4.16 24.19
C ALA B 46 -21.69 4.95 25.49
N GLY B 47 -22.86 5.18 25.99
CA GLY B 47 -23.04 5.91 27.24
C GLY B 47 -22.96 7.43 27.19
N ILE B 48 -22.75 8.03 26.02
CA ILE B 48 -22.59 9.48 25.97
C ILE B 48 -23.76 10.00 25.13
N ASP B 49 -24.30 11.14 25.61
CA ASP B 49 -25.48 11.73 24.97
C ASP B 49 -24.94 12.76 23.99
N TYR B 50 -25.61 12.91 22.85
CA TYR B 50 -25.19 13.86 21.84
C TYR B 50 -26.41 14.62 21.35
N PRO B 51 -26.25 15.90 20.95
CA PRO B 51 -27.37 16.60 20.34
C PRO B 51 -27.64 16.10 18.95
N LEU B 52 -28.86 16.20 18.47
CA LEU B 52 -29.23 15.99 17.10
C LEU B 52 -29.22 17.37 16.44
N LEU B 53 -28.26 17.65 15.63
CA LEU B 53 -28.07 19.03 15.09
C LEU B 53 -28.50 19.21 13.62
N PRO B 54 -29.06 20.39 13.30
CA PRO B 54 -29.63 20.56 11.96
C PRO B 54 -28.62 21.05 10.99
N LEU B 55 -28.79 20.63 9.77
CA LEU B 55 -28.07 21.24 8.65
C LEU B 55 -29.19 21.90 7.84
N ASN B 56 -29.12 23.20 7.68
CA ASN B 56 -30.11 23.87 6.84
C ASN B 56 -29.67 24.02 5.41
N HIS B 57 -30.43 24.81 4.60
CA HIS B 57 -30.10 24.99 3.19
C HIS B 57 -28.84 25.72 3.00
N GLN B 58 -28.32 26.34 4.05
CA GLN B 58 -27.06 26.94 3.93
C GLN B 58 -25.94 25.93 3.85
N THR B 59 -26.17 24.67 4.20
CA THR B 59 -25.14 23.68 4.05
C THR B 59 -25.06 23.18 2.62
N PRO B 60 -23.90 23.32 1.99
CA PRO B 60 -23.77 22.99 0.60
C PRO B 60 -23.66 21.51 0.35
N LEU B 61 -24.03 21.06 -0.83
CA LEU B 61 -23.65 19.74 -1.28
C LEU B 61 -22.29 19.79 -1.95
N VAL B 62 -21.60 18.66 -1.93
CA VAL B 62 -20.32 18.57 -2.64
C VAL B 62 -20.20 17.23 -3.31
N PHE B 63 -19.86 17.24 -4.61
CA PHE B 63 -19.53 16.07 -5.36
C PHE B 63 -18.05 16.20 -5.82
N GLN B 64 -17.35 15.05 -5.93
CA GLN B 64 -15.96 15.09 -6.27
C GLN B 64 -15.71 14.36 -7.55
N TRP B 65 -14.87 14.91 -8.43
CA TRP B 65 -14.49 14.24 -9.62
C TRP B 65 -13.02 14.44 -9.91
N PHE B 66 -12.24 13.43 -9.64
CA PHE B 66 -10.77 13.48 -9.82
C PHE B 66 -10.44 12.59 -11.01
N GLU B 67 -10.10 13.24 -12.11
CA GLU B 67 -10.04 12.57 -13.40
C GLU B 67 -8.55 12.35 -13.75
N ARG B 68 -8.20 11.09 -13.78
CA ARG B 68 -6.87 10.61 -14.19
C ARG B 68 -6.62 10.65 -15.71
N ASN B 69 -7.66 10.49 -16.51
CA ASN B 69 -7.53 10.40 -17.96
C ASN B 69 -8.44 11.36 -18.66
N PRO B 70 -8.14 12.63 -18.55
CA PRO B 70 -8.99 13.69 -19.10
C PRO B 70 -9.09 13.63 -20.61
N ASP B 71 -8.10 13.01 -21.25
CA ASP B 71 -8.07 12.99 -22.71
C ASP B 71 -9.10 12.04 -23.31
N ARG B 72 -9.79 11.31 -22.44
CA ARG B 72 -10.87 10.47 -22.89
C ARG B 72 -12.16 11.23 -23.17
N PHE B 73 -12.15 12.53 -22.87
CA PHE B 73 -13.27 13.40 -23.12
C PHE B 73 -12.77 14.28 -24.20
N GLY B 74 -13.69 14.83 -24.97
CA GLY B 74 -13.32 15.83 -25.93
C GLY B 74 -12.68 17.01 -25.25
N GLN B 75 -11.89 17.76 -25.97
CA GLN B 75 -11.17 18.88 -25.38
C GLN B 75 -12.04 20.06 -25.03
N ASN B 76 -13.26 20.13 -25.57
CA ASN B 76 -14.20 21.18 -25.14
C ASN B 76 -15.45 20.66 -24.41
N GLU B 77 -15.39 19.47 -23.85
CA GLU B 77 -16.52 19.00 -23.07
C GLU B 77 -16.22 18.97 -21.58
N ILE B 78 -17.30 18.95 -20.80
CA ILE B 78 -17.17 18.87 -19.37
C ILE B 78 -16.57 17.53 -19.08
N PRO B 79 -15.45 17.47 -18.37
CA PRO B 79 -14.74 16.22 -18.14
C PRO B 79 -15.28 15.40 -16.98
N ILE B 80 -16.57 15.10 -17.03
CA ILE B 80 -17.19 14.31 -16.00
C ILE B 80 -18.00 13.31 -16.71
N ILE B 81 -17.93 12.07 -16.29
CA ILE B 81 -18.64 11.01 -17.02
C ILE B 81 -20.14 11.24 -17.05
N ASN B 82 -20.74 11.10 -18.21
CA ASN B 82 -22.18 11.32 -18.32
C ASN B 82 -22.79 10.39 -19.34
N THR B 83 -22.68 9.11 -19.09
CA THR B 83 -23.20 8.13 -20.03
C THR B 83 -24.52 7.64 -19.55
N GLN B 84 -25.19 6.85 -20.37
CA GLN B 84 -26.48 6.29 -19.98
C GLN B 84 -26.33 5.40 -18.76
N LYS B 85 -25.26 4.64 -18.74
CA LYS B 85 -24.95 3.80 -17.60
C LYS B 85 -24.35 4.50 -16.39
N ASN B 86 -23.62 5.59 -16.64
CA ASN B 86 -23.04 6.38 -15.60
C ASN B 86 -23.34 7.88 -15.83
N PRO B 87 -24.57 8.31 -15.61
CA PRO B 87 -24.92 9.66 -15.90
C PRO B 87 -24.58 10.56 -14.71
N TYR B 88 -23.32 10.62 -14.36
CA TYR B 88 -22.92 11.34 -13.16
C TYR B 88 -23.11 12.84 -13.28
N LEU B 89 -22.80 13.44 -14.41
CA LEU B 89 -23.05 14.88 -14.54
C LEU B 89 -24.53 15.19 -14.43
N ASN B 90 -25.37 14.38 -15.04
CA ASN B 90 -26.77 14.58 -14.89
C ASN B 90 -27.24 14.43 -13.44
N ASN B 91 -26.69 13.52 -12.69
CA ASN B 91 -27.08 13.33 -11.28
C ASN B 91 -26.75 14.57 -10.47
N ILE B 92 -25.63 15.20 -10.79
CA ILE B 92 -25.23 16.42 -10.13
C ILE B 92 -26.17 17.56 -10.54
N ILE B 93 -26.43 17.71 -11.82
CA ILE B 93 -27.28 18.80 -12.27
C ILE B 93 -28.70 18.66 -11.71
N ASN B 94 -29.26 17.46 -11.69
CA ASN B 94 -30.52 17.26 -11.11
C ASN B 94 -30.53 17.69 -9.65
N ALA B 95 -29.50 17.37 -8.93
CA ALA B 95 -29.44 17.73 -7.50
C ALA B 95 -29.40 19.22 -7.36
N ALA B 96 -28.63 19.89 -8.20
CA ALA B 96 -28.54 21.34 -8.18
C ALA B 96 -29.84 22.00 -8.47
N ILE B 97 -30.57 21.47 -9.45
CA ILE B 97 -31.85 22.03 -9.75
C ILE B 97 -32.82 21.86 -8.59
N ILE B 98 -32.94 20.69 -8.02
CA ILE B 98 -33.83 20.41 -6.95
C ILE B 98 -33.51 21.32 -5.73
N GLU B 99 -32.22 21.39 -5.43
CA GLU B 99 -31.70 22.15 -4.29
C GLU B 99 -31.36 23.54 -4.70
N LYS B 100 -32.35 24.22 -5.27
CA LYS B 100 -32.19 25.51 -5.91
C LYS B 100 -31.72 26.56 -4.90
N GLU B 101 -32.05 26.39 -3.65
CA GLU B 101 -31.70 27.35 -2.59
C GLU B 101 -30.38 26.98 -1.91
N ARG B 102 -29.67 26.04 -2.49
CA ARG B 102 -28.43 25.54 -1.88
C ARG B 102 -27.31 25.67 -2.83
N ILE B 103 -26.09 25.83 -2.31
CA ILE B 103 -24.88 25.78 -3.13
C ILE B 103 -24.48 24.33 -3.40
N ILE B 104 -24.12 24.03 -4.62
CA ILE B 104 -23.63 22.71 -5.00
C ILE B 104 -22.18 22.87 -5.44
N GLY B 105 -21.30 22.20 -4.76
CA GLY B 105 -19.91 22.16 -5.21
C GLY B 105 -19.54 20.97 -6.07
N ILE B 106 -18.69 21.19 -7.04
CA ILE B 106 -18.07 20.10 -7.75
C ILE B 106 -16.54 20.28 -7.55
N PHE B 107 -16.01 19.36 -6.78
CA PHE B 107 -14.60 19.39 -6.30
C PHE B 107 -13.82 18.54 -7.27
N VAL B 108 -12.95 19.18 -8.07
CA VAL B 108 -12.31 18.50 -9.14
C VAL B 108 -10.76 18.56 -9.06
N ASP B 109 -10.16 17.56 -9.66
CA ASP B 109 -8.70 17.59 -9.91
C ASP B 109 -8.42 16.80 -11.12
N GLY B 110 -7.26 17.10 -11.73
CA GLY B 110 -6.83 16.42 -12.94
C GLY B 110 -6.25 17.43 -13.95
N ASP B 111 -5.49 16.94 -14.91
CA ASP B 111 -4.86 17.83 -15.89
C ASP B 111 -5.81 18.10 -17.01
N PHE B 112 -6.83 18.91 -16.71
CA PHE B 112 -7.86 19.22 -17.67
C PHE B 112 -7.29 20.19 -18.71
N SER B 113 -7.77 20.07 -19.93
CA SER B 113 -7.42 20.99 -20.99
C SER B 113 -8.08 22.31 -20.73
N LYS B 114 -7.63 23.34 -21.43
CA LYS B 114 -8.17 24.67 -21.25
C LYS B 114 -9.59 24.67 -21.73
N GLY B 115 -9.89 23.90 -22.77
CA GLY B 115 -11.26 23.74 -23.20
C GLY B 115 -12.13 23.03 -22.15
N GLN B 116 -11.57 22.06 -21.46
CA GLN B 116 -12.28 21.37 -20.42
C GLN B 116 -12.57 22.30 -19.24
N ARG B 117 -11.62 23.14 -18.89
CA ARG B 117 -11.87 24.13 -17.85
C ARG B 117 -12.95 25.13 -18.28
N LYS B 118 -12.92 25.53 -19.53
CA LYS B 118 -13.85 26.45 -20.05
C LYS B 118 -15.29 25.86 -19.99
N ALA B 119 -15.41 24.59 -20.33
CA ALA B 119 -16.68 23.92 -20.28
C ALA B 119 -17.24 23.91 -18.83
N LEU B 120 -16.39 23.62 -17.88
CA LEU B 120 -16.74 23.68 -16.47
C LEU B 120 -17.20 25.06 -16.09
N GLY B 121 -16.57 26.07 -16.62
CA GLY B 121 -17.03 27.43 -16.38
C GLY B 121 -18.34 27.74 -16.93
N LYS B 122 -18.64 27.21 -18.09
CA LYS B 122 -19.95 27.45 -18.65
C LYS B 122 -21.02 26.74 -17.80
N LEU B 123 -20.70 25.57 -17.28
CA LEU B 123 -21.64 24.94 -16.34
C LEU B 123 -22.04 25.84 -15.20
N GLU B 124 -21.07 26.52 -14.61
CA GLU B 124 -21.29 27.44 -13.50
C GLU B 124 -22.14 28.60 -13.89
N GLN B 125 -22.00 29.05 -15.13
CA GLN B 125 -22.92 30.07 -15.65
C GLN B 125 -24.35 29.61 -15.91
N ASN B 126 -24.53 28.40 -16.43
CA ASN B 126 -25.85 27.82 -16.70
C ASN B 126 -26.63 27.41 -15.48
N TYR B 127 -25.93 27.04 -14.39
CA TYR B 127 -26.58 26.66 -13.17
C TYR B 127 -25.93 27.49 -12.06
N ARG B 128 -26.70 28.46 -11.62
CA ARG B 128 -26.11 29.54 -10.83
C ARG B 128 -25.63 29.08 -9.48
N ASN B 129 -26.13 27.96 -8.98
CA ASN B 129 -25.70 27.45 -7.67
C ASN B 129 -24.60 26.46 -7.72
N ILE B 130 -24.12 26.08 -8.95
CA ILE B 130 -23.04 25.13 -9.08
C ILE B 130 -21.72 25.90 -9.07
N LYS B 131 -20.83 25.51 -8.16
CA LYS B 131 -19.51 26.08 -8.00
C LYS B 131 -18.44 25.09 -8.18
N VAL B 132 -17.52 25.28 -9.15
CA VAL B 132 -16.48 24.31 -9.37
C VAL B 132 -15.28 24.75 -8.54
N ILE B 133 -14.75 23.82 -7.81
CA ILE B 133 -13.60 24.07 -6.93
C ILE B 133 -12.46 23.18 -7.38
N TYR B 134 -11.38 23.79 -7.91
CA TYR B 134 -10.22 23.00 -8.27
C TYR B 134 -9.35 22.74 -7.03
N ASN B 135 -8.96 21.51 -6.85
CA ASN B 135 -8.16 21.12 -5.72
C ASN B 135 -6.85 21.90 -5.67
N SER B 136 -6.37 22.31 -6.83
CA SER B 136 -5.13 23.08 -6.90
C SER B 136 -5.25 24.44 -6.34
N ASP B 137 -6.45 24.94 -6.12
CA ASP B 137 -6.65 26.23 -5.54
C ASP B 137 -6.82 26.22 -4.08
N LEU B 138 -6.79 25.04 -3.46
CA LEU B 138 -6.95 25.00 -2.03
C LEU B 138 -5.57 24.70 -1.36
N ASN B 139 -5.41 25.19 -0.17
CA ASN B 139 -4.15 25.03 0.60
C ASN B 139 -4.41 24.16 1.76
N TYR B 140 -3.81 23.01 1.81
CA TYR B 140 -4.00 22.05 2.90
C TYR B 140 -2.78 21.95 3.89
N SER B 141 -1.89 22.91 3.83
CA SER B 141 -0.67 22.85 4.67
C SER B 141 -0.95 22.90 6.15
N MET B 142 -2.07 23.45 6.58
CA MET B 142 -2.39 23.43 8.00
C MET B 142 -2.67 22.00 8.47
N TYR B 143 -2.77 21.07 7.54
CA TYR B 143 -3.09 19.71 7.84
C TYR B 143 -1.97 18.75 7.48
N ASP B 144 -0.91 19.28 6.86
CA ASP B 144 0.21 18.47 6.40
C ASP B 144 1.20 18.17 7.52
N LYS B 145 2.04 17.18 7.25
CA LYS B 145 3.11 16.77 8.21
C LYS B 145 4.21 16.11 7.44
N LYS B 146 5.43 16.34 7.90
CA LYS B 146 6.64 15.76 7.35
C LYS B 146 6.67 14.32 7.77
N LEU B 147 7.00 13.43 6.87
CA LEU B 147 7.13 12.04 7.27
C LEU B 147 8.18 11.81 8.42
N THR B 148 9.22 12.62 8.49
CA THR B 148 10.31 12.37 9.43
C THR B 148 9.76 12.53 10.80
N THR B 149 8.88 13.51 10.98
CA THR B 149 8.36 13.75 12.30
C THR B 149 7.53 12.59 12.77
N ILE B 150 6.77 12.03 11.84
CA ILE B 150 5.88 10.95 12.14
C ILE B 150 6.76 9.79 12.64
N TYR B 151 7.72 9.44 11.81
CA TYR B 151 8.56 8.28 12.10
C TYR B 151 9.32 8.45 13.40
N LEU B 152 9.87 9.62 13.61
CA LEU B 152 10.58 9.93 14.83
C LEU B 152 9.74 9.89 16.03
N GLU B 153 8.54 10.39 15.91
CA GLU B 153 7.65 10.33 17.01
C GLU B 153 7.40 8.88 17.33
N ASN B 154 7.28 8.05 16.30
CA ASN B 154 6.90 6.66 16.53
C ASN B 154 7.99 5.89 17.30
N ILE B 155 9.21 6.10 16.89
CA ILE B 155 10.39 5.52 17.52
C ILE B 155 10.44 5.91 18.98
N THR B 156 10.30 7.19 19.24
CA THR B 156 10.40 7.65 20.57
C THR B 156 9.39 6.91 21.41
N LYS B 157 8.19 6.75 20.89
CA LYS B 157 7.19 5.99 21.62
C LYS B 157 7.60 4.53 21.74
N LEU B 158 7.95 3.93 20.62
CA LEU B 158 8.24 2.51 20.59
C LEU B 158 9.45 2.23 21.44
N GLU B 159 10.51 3.01 21.30
CA GLU B 159 11.71 2.79 22.08
C GLU B 159 11.29 3.12 23.47
N ALA B 160 10.73 2.14 24.12
CA ALA B 160 10.46 2.21 25.51
C ALA B 160 10.22 0.78 25.91
N ARG B 166 7.19 -3.92 24.64
CA ARG B 166 7.04 -4.08 23.20
C ARG B 166 6.65 -5.51 22.95
N ASP B 167 6.63 -5.89 21.68
CA ASP B 167 6.53 -7.28 21.25
C ASP B 167 6.91 -7.40 19.76
N GLU B 168 6.75 -8.60 19.19
CA GLU B 168 7.16 -8.93 17.85
C GLU B 168 6.65 -7.90 16.86
N VAL B 169 5.43 -7.40 17.08
CA VAL B 169 4.86 -6.33 16.28
C VAL B 169 5.66 -5.05 16.35
N LEU B 170 5.91 -4.59 17.56
CA LEU B 170 6.61 -3.36 17.76
C LEU B 170 8.05 -3.41 17.21
N LEU B 171 8.77 -4.48 17.53
CA LEU B 171 10.11 -4.54 17.07
C LEU B 171 10.06 -4.52 15.55
N ASN B 172 9.04 -5.13 14.95
CA ASN B 172 8.90 -5.02 13.50
C ASN B 172 8.69 -3.61 13.02
N GLY B 173 7.79 -2.90 13.67
CA GLY B 173 7.44 -1.52 13.29
C GLY B 173 8.70 -0.66 13.32
N VAL B 174 9.51 -0.85 14.35
CA VAL B 174 10.64 0.01 14.58
C VAL B 174 11.51 -0.08 13.36
N LYS B 175 11.78 -1.28 12.89
CA LYS B 175 12.80 -1.42 11.87
C LYS B 175 12.36 -0.72 10.62
N LYS B 176 11.11 -0.94 10.28
CA LYS B 176 10.54 -0.30 9.14
C LYS B 176 10.56 1.23 9.28
N SER B 177 10.11 1.78 10.39
CA SER B 177 10.16 3.24 10.47
C SER B 177 11.56 3.73 10.27
N LEU B 178 12.52 3.11 10.97
CA LEU B 178 13.89 3.58 10.88
C LEU B 178 14.28 3.51 9.47
N GLU B 179 13.94 2.38 8.86
CA GLU B 179 14.20 2.20 7.47
C GLU B 179 13.63 3.38 6.75
N ASP B 180 12.37 3.69 7.06
CA ASP B 180 11.69 4.79 6.45
C ASP B 180 12.32 6.11 6.80
N VAL B 181 12.73 6.30 8.04
CA VAL B 181 13.35 7.56 8.43
C VAL B 181 14.54 7.76 7.55
N LEU B 182 15.32 6.69 7.39
CA LEU B 182 16.49 6.68 6.51
C LEU B 182 16.09 6.80 5.09
N LYS B 183 15.09 6.04 4.66
CA LYS B 183 14.76 6.05 3.24
C LYS B 183 14.24 7.43 2.83
N PRO B 186 12.86 13.49 2.06
CA PRO B 186 13.58 14.30 3.04
C PRO B 186 12.70 15.46 3.43
N GLU B 187 12.27 16.19 2.42
CA GLU B 187 11.34 17.24 2.61
C GLU B 187 9.93 16.72 2.33
N GLU B 188 9.79 15.40 2.23
CA GLU B 188 8.52 14.77 1.99
C GLU B 188 7.45 14.94 3.08
N THR B 189 6.22 15.13 2.61
CA THR B 189 5.07 15.27 3.48
C THR B 189 3.99 14.28 3.08
N LEU B 190 3.05 14.09 3.98
CA LEU B 190 1.80 13.44 3.65
C LEU B 190 1.24 13.88 2.31
N ILE B 191 1.19 15.17 2.08
CA ILE B 191 0.68 15.69 0.81
C ILE B 191 1.58 15.35 -0.36
N SER B 192 2.89 15.57 -0.24
CA SER B 192 3.76 15.33 -1.39
C SER B 192 3.65 13.87 -1.72
N SER B 193 3.55 13.08 -0.69
CA SER B 193 3.44 11.66 -0.86
C SER B 193 2.19 11.24 -1.61
N HIS B 194 1.04 11.82 -1.25
CA HIS B 194 -0.21 11.49 -1.95
C HIS B 194 -0.28 11.98 -3.35
N ASN B 195 0.36 13.10 -3.65
CA ASN B 195 0.41 13.59 -5.03
C ASN B 195 1.14 12.69 -5.96
N LYS B 196 1.94 11.80 -5.40
CA LYS B 196 2.75 10.93 -6.22
C LYS B 196 1.91 9.79 -6.77
N ASP B 197 0.60 9.82 -6.54
CA ASP B 197 -0.29 8.75 -6.94
C ASP B 197 -1.55 9.29 -7.65
N LYS B 198 -2.08 8.55 -8.62
CA LYS B 198 -3.23 8.99 -9.39
C LYS B 198 -4.41 8.08 -9.19
N GLY B 199 -4.47 7.42 -8.03
CA GLY B 199 -5.48 6.39 -7.74
C GLY B 199 -6.39 6.68 -6.55
N HIS B 200 -6.92 5.62 -5.94
CA HIS B 200 -7.94 5.81 -4.94
C HIS B 200 -7.38 6.67 -3.86
N LEU B 201 -6.10 6.53 -3.55
CA LEU B 201 -5.58 7.22 -2.41
C LEU B 201 -5.51 8.75 -2.62
N TRP B 202 -5.30 9.15 -3.83
CA TRP B 202 -5.37 10.52 -4.20
C TRP B 202 -6.81 11.07 -3.98
N PHE B 203 -7.79 10.35 -4.47
CA PHE B 203 -9.17 10.77 -4.33
C PHE B 203 -9.56 10.83 -2.87
N ASP B 204 -9.33 9.75 -2.14
CA ASP B 204 -9.73 9.70 -0.74
C ASP B 204 -9.03 10.67 0.21
N PHE B 205 -7.73 10.85 0.02
CA PHE B 205 -6.99 11.74 0.88
C PHE B 205 -7.54 13.13 0.73
N TYR B 206 -7.72 13.56 -0.48
CA TYR B 206 -8.27 14.92 -0.67
C TYR B 206 -9.77 15.08 -0.27
N ARG B 207 -10.54 14.06 -0.47
CA ARG B 207 -11.94 14.10 -0.03
C ARG B 207 -11.95 14.34 1.45
N ASN B 208 -11.15 13.60 2.17
CA ASN B 208 -11.04 13.75 3.60
C ASN B 208 -10.58 15.12 4.08
N LEU B 209 -9.59 15.69 3.43
CA LEU B 209 -9.14 16.99 3.78
C LEU B 209 -10.18 18.06 3.41
N PHE B 210 -10.87 17.87 2.28
CA PHE B 210 -11.95 18.76 1.93
C PHE B 210 -12.97 18.80 3.01
N LEU B 211 -13.33 17.66 3.59
CA LEU B 211 -14.29 17.61 4.63
C LEU B 211 -13.92 18.39 5.84
N LEU B 212 -12.61 18.51 6.12
CA LEU B 212 -12.17 19.35 7.17
C LEU B 212 -12.41 20.82 6.91
N LYS B 213 -12.25 21.25 5.68
CA LYS B 213 -12.57 22.64 5.31
C LYS B 213 -14.05 22.93 5.26
N GLY B 214 -14.84 22.00 4.74
CA GLY B 214 -16.29 22.18 4.71
C GLY B 214 -16.62 23.39 3.88
N SER B 215 -17.55 24.15 4.34
CA SER B 215 -18.03 25.31 3.56
C SER B 215 -16.92 26.31 3.25
N ASP B 216 -15.92 26.40 4.13
CA ASP B 216 -14.80 27.31 3.87
C ASP B 216 -14.03 27.02 2.62
N ALA B 217 -14.06 25.79 2.07
CA ALA B 217 -13.43 25.53 0.83
C ALA B 217 -13.96 26.42 -0.26
N PHE B 218 -15.27 26.62 -0.26
CA PHE B 218 -15.89 27.53 -1.24
C PHE B 218 -15.43 28.97 -1.10
N LEU B 219 -15.27 29.44 0.13
CA LEU B 219 -14.87 30.82 0.38
C LEU B 219 -13.38 30.95 0.04
N GLU B 220 -12.58 29.95 0.40
CA GLU B 220 -11.17 29.94 0.08
C GLU B 220 -10.91 29.99 -1.40
N ALA B 221 -11.75 29.34 -2.19
CA ALA B 221 -11.58 29.32 -3.61
C ALA B 221 -12.14 30.56 -4.27
N GLY B 222 -12.76 31.45 -3.48
CA GLY B 222 -13.30 32.68 -3.98
C GLY B 222 -14.52 32.56 -4.92
N LYS B 223 -15.38 31.60 -4.61
CA LYS B 223 -16.48 31.29 -5.55
C LYS B 223 -17.53 32.39 -5.48
N PRO B 224 -18.00 32.86 -6.62
CA PRO B 224 -19.10 33.83 -6.60
C PRO B 224 -20.43 33.27 -6.07
N GLY B 225 -21.26 34.15 -5.55
CA GLY B 225 -22.58 33.83 -5.04
C GLY B 225 -22.62 32.89 -3.88
N CYS B 226 -21.61 32.95 -3.01
CA CYS B 226 -21.49 32.18 -1.82
C CYS B 226 -21.68 32.95 -0.53
N HIS B 227 -22.34 34.11 -0.63
CA HIS B 227 -22.65 34.91 0.48
C HIS B 227 -23.59 34.31 1.52
N HIS B 228 -24.35 33.26 1.21
CA HIS B 228 -25.19 32.60 2.21
C HIS B 228 -24.54 31.38 2.88
N LEU B 229 -23.33 31.00 2.49
CA LEU B 229 -22.65 29.99 3.25
C LEU B 229 -22.31 30.54 4.66
N GLN B 230 -22.29 29.70 5.65
CA GLN B 230 -21.79 30.07 6.99
C GLN B 230 -20.31 29.79 7.00
N PRO B 231 -19.51 30.82 7.24
CA PRO B 231 -18.07 30.60 7.52
C PRO B 231 -17.96 29.58 8.68
N GLY B 232 -17.06 28.66 8.58
CA GLY B 232 -16.97 27.58 9.56
C GLY B 232 -18.04 26.53 9.36
N GLY B 233 -18.88 26.64 8.32
CA GLY B 233 -19.96 25.70 8.14
C GLY B 233 -19.53 24.38 7.48
N GLY B 234 -20.43 23.42 7.47
CA GLY B 234 -20.15 22.08 7.00
C GLY B 234 -20.53 21.82 5.55
N CYS B 235 -20.77 20.59 5.22
CA CYS B 235 -21.12 20.21 3.84
C CYS B 235 -21.73 18.87 3.81
N ILE B 236 -22.46 18.57 2.75
CA ILE B 236 -23.01 17.26 2.53
C ILE B 236 -22.30 16.67 1.31
N TYR B 237 -21.36 15.77 1.58
CA TYR B 237 -20.56 15.19 0.52
C TYR B 237 -21.26 13.97 -0.03
N LEU B 238 -21.37 13.90 -1.34
CA LEU B 238 -22.10 12.85 -2.03
C LEU B 238 -21.30 12.26 -3.17
N ASP B 239 -21.32 10.93 -3.29
CA ASP B 239 -20.86 10.26 -4.53
C ASP B 239 -21.78 10.75 -5.62
N ALA B 240 -21.26 10.96 -6.81
CA ALA B 240 -22.08 11.36 -7.98
C ALA B 240 -22.98 10.29 -8.51
N ASP B 241 -22.79 9.06 -8.06
CA ASP B 241 -23.65 8.00 -8.47
C ASP B 241 -24.81 7.92 -7.53
N MET B 242 -25.70 8.85 -7.64
CA MET B 242 -26.82 8.97 -6.72
C MET B 242 -27.96 9.69 -7.40
N LEU B 243 -29.15 9.46 -6.92
CA LEU B 243 -30.34 10.10 -7.43
C LEU B 243 -30.97 10.85 -6.30
N LEU B 244 -31.18 12.13 -6.48
CA LEU B 244 -31.96 12.91 -5.54
C LEU B 244 -33.37 12.98 -6.15
N THR B 245 -34.37 12.53 -5.43
CA THR B 245 -35.73 12.53 -6.01
C THR B 245 -36.54 13.72 -5.71
N ASP B 246 -36.20 14.43 -4.64
CA ASP B 246 -36.90 15.59 -4.20
C ASP B 246 -36.11 16.29 -3.18
N LYS B 247 -36.58 17.42 -2.67
CA LYS B 247 -35.84 18.26 -1.80
C LYS B 247 -35.41 17.55 -0.51
N LEU B 248 -34.24 17.92 -0.01
CA LEU B 248 -33.72 17.35 1.25
C LEU B 248 -34.38 17.84 2.52
N GLY B 249 -34.75 19.11 2.56
CA GLY B 249 -35.21 19.79 3.77
C GLY B 249 -34.08 19.93 4.78
N THR B 250 -34.45 20.04 6.04
CA THR B 250 -33.47 20.23 7.09
C THR B 250 -33.13 18.84 7.57
N LEU B 251 -31.84 18.57 7.68
CA LEU B 251 -31.31 17.27 8.16
C LEU B 251 -30.90 17.41 9.60
N TYR B 252 -31.12 16.38 10.40
CA TYR B 252 -30.68 16.38 11.81
C TYR B 252 -29.72 15.23 11.97
N LEU B 253 -28.48 15.56 12.32
CA LEU B 253 -27.45 14.59 12.47
C LEU B 253 -26.90 14.42 13.87
N PRO B 254 -26.55 13.19 14.25
CA PRO B 254 -26.01 13.00 15.60
C PRO B 254 -24.69 13.66 15.76
N ASP B 255 -24.62 14.56 16.70
CA ASP B 255 -23.49 15.33 16.93
C ASP B 255 -23.06 16.09 15.65
N GLY B 256 -23.99 16.37 14.72
CA GLY B 256 -23.66 17.12 13.53
C GLY B 256 -22.91 16.33 12.47
N ILE B 257 -22.89 14.99 12.59
CA ILE B 257 -22.23 14.16 11.60
C ILE B 257 -22.98 12.89 11.29
N ALA B 258 -22.93 12.45 10.02
CA ALA B 258 -23.53 11.23 9.63
C ALA B 258 -22.87 10.65 8.38
N ILE B 259 -22.91 9.33 8.23
CA ILE B 259 -22.19 8.65 7.15
C ILE B 259 -23.05 7.57 6.58
N HIS B 260 -22.89 7.35 5.30
CA HIS B 260 -23.56 6.30 4.55
C HIS B 260 -23.22 4.94 5.19
N VAL B 261 -24.23 4.13 5.30
CA VAL B 261 -24.12 2.76 5.76
C VAL B 261 -24.74 1.83 4.78
N SER B 262 -24.07 0.73 4.48
CA SER B 262 -24.70 -0.31 3.66
C SER B 262 -25.00 -1.55 4.51
N ARG B 263 -26.10 -2.16 4.20
CA ARG B 263 -26.59 -3.30 4.92
C ARG B 263 -26.90 -4.38 3.90
N LYS B 264 -26.39 -5.59 4.12
CA LYS B 264 -26.90 -6.74 3.40
C LYS B 264 -26.78 -7.96 4.21
N ASP B 265 -27.87 -8.71 4.28
CA ASP B 265 -27.97 -9.87 5.18
C ASP B 265 -27.57 -9.39 6.57
N ASN B 266 -26.72 -10.11 7.25
CA ASN B 266 -26.31 -9.70 8.58
C ASN B 266 -25.11 -8.79 8.50
N HIS B 267 -24.74 -8.40 7.28
CA HIS B 267 -23.58 -7.57 7.11
C HIS B 267 -23.93 -6.08 7.00
N VAL B 268 -23.11 -5.29 7.66
CA VAL B 268 -23.31 -3.85 7.73
C VAL B 268 -21.93 -3.20 7.80
N SER B 269 -21.73 -2.14 7.02
CA SER B 269 -20.46 -1.51 6.98
C SER B 269 -20.67 -0.01 6.74
N LEU B 270 -19.78 0.79 7.28
CA LEU B 270 -19.70 2.20 6.91
C LEU B 270 -19.32 2.27 5.46
N GLU B 271 -19.86 3.26 4.75
CA GLU B 271 -19.47 3.49 3.39
C GLU B 271 -19.13 4.95 3.21
N ASN B 272 -18.52 5.25 2.08
CA ASN B 272 -17.99 6.60 1.89
C ASN B 272 -18.75 7.39 0.85
N GLY B 273 -19.91 6.92 0.47
CA GLY B 273 -20.76 7.55 -0.48
C GLY B 273 -21.50 8.83 -0.04
N ILE B 274 -21.74 8.98 1.26
CA ILE B 274 -22.31 10.16 1.84
C ILE B 274 -21.54 10.43 3.08
N ILE B 275 -21.07 11.68 3.27
CA ILE B 275 -20.51 12.10 4.53
C ILE B 275 -21.02 13.50 4.78
N ALA B 276 -21.78 13.66 5.84
CA ALA B 276 -22.37 14.98 6.15
C ALA B 276 -21.83 15.48 7.48
N VAL B 277 -21.41 16.75 7.52
CA VAL B 277 -20.94 17.39 8.74
C VAL B 277 -21.54 18.78 8.86
N ASN B 278 -21.76 19.24 10.08
CA ASN B 278 -22.39 20.52 10.29
C ASN B 278 -21.39 21.64 10.47
N ARG B 279 -20.10 21.36 10.40
CA ARG B 279 -19.08 22.36 10.65
C ARG B 279 -17.78 21.93 10.07
N SER B 280 -16.90 22.88 9.83
CA SER B 280 -15.53 22.60 9.43
C SER B 280 -14.82 22.03 10.65
N GLU B 281 -13.81 21.23 10.40
CA GLU B 281 -12.97 20.67 11.45
C GLU B 281 -13.77 20.02 12.48
N HIS B 282 -14.69 19.18 12.03
CA HIS B 282 -15.52 18.48 12.97
C HIS B 282 -14.56 17.60 13.81
N PRO B 283 -14.80 17.56 15.08
CA PRO B 283 -13.86 16.84 15.98
C PRO B 283 -13.74 15.39 15.65
N ALA B 284 -14.81 14.74 15.22
CA ALA B 284 -14.72 13.35 14.82
C ALA B 284 -13.83 13.20 13.64
N LEU B 285 -13.79 14.19 12.76
CA LEU B 285 -12.89 14.11 11.61
C LEU B 285 -11.47 14.44 12.02
N ILE B 286 -11.31 15.38 12.91
CA ILE B 286 -9.99 15.75 13.34
C ILE B 286 -9.34 14.50 14.00
N LYS B 287 -10.11 13.72 14.71
CA LYS B 287 -9.59 12.50 15.31
C LYS B 287 -8.98 11.54 14.28
N GLY B 288 -9.58 11.44 13.10
CA GLY B 288 -8.97 10.75 12.00
C GLY B 288 -7.73 11.41 11.51
N LEU B 289 -7.71 12.72 11.51
CA LEU B 289 -6.52 13.43 11.09
C LEU B 289 -5.36 13.12 12.06
N GLU B 290 -5.67 13.10 13.32
CA GLU B 290 -4.69 12.81 14.37
C GLU B 290 -4.10 11.43 14.18
N ILE B 291 -4.94 10.48 13.80
CA ILE B 291 -4.51 9.14 13.53
C ILE B 291 -3.55 9.12 12.38
N MET B 292 -3.90 9.79 11.28
CA MET B 292 -3.06 9.81 10.12
C MET B 292 -1.71 10.45 10.49
N HIS B 293 -1.77 11.43 11.34
CA HIS B 293 -0.55 12.10 11.80
C HIS B 293 0.38 11.24 12.69
N SER B 294 -0.19 10.27 13.38
CA SER B 294 0.58 9.51 14.33
C SER B 294 0.92 8.11 13.87
N LYS B 295 0.42 7.69 12.72
CA LYS B 295 0.61 6.33 12.33
C LYS B 295 1.39 6.30 11.07
N PRO B 296 2.34 5.37 10.97
CA PRO B 296 3.31 5.33 9.87
C PRO B 296 2.82 4.96 8.47
N TYR B 297 1.84 4.09 8.36
CA TYR B 297 1.36 3.67 7.05
C TYR B 297 -0.13 3.53 7.20
N GLY B 298 -0.83 3.34 6.10
CA GLY B 298 -2.27 3.40 6.15
C GLY B 298 -2.92 2.06 5.96
N ASP B 299 -3.86 1.73 6.82
CA ASP B 299 -4.67 0.53 6.65
C ASP B 299 -5.46 0.57 5.34
N PRO B 300 -5.33 -0.49 4.48
CA PRO B 300 -6.03 -0.28 3.19
C PRO B 300 -7.54 -0.20 3.30
N TYR B 301 -8.11 -1.07 4.10
CA TYR B 301 -9.55 -1.20 4.17
C TYR B 301 -10.18 -0.35 5.28
N ASN B 302 -9.37 0.16 6.20
CA ASN B 302 -9.91 1.00 7.24
C ASN B 302 -9.23 2.33 7.13
N ASP B 303 -9.83 3.21 6.34
CA ASP B 303 -9.38 4.55 6.09
C ASP B 303 -9.31 5.27 7.42
N TRP B 304 -8.45 6.27 7.50
CA TRP B 304 -8.33 7.01 8.71
C TRP B 304 -9.58 7.81 9.07
N LEU B 305 -10.36 8.20 8.09
CA LEU B 305 -11.60 8.87 8.44
C LEU B 305 -12.54 7.93 9.15
N SER B 306 -12.62 6.69 8.69
CA SER B 306 -13.41 5.68 9.37
C SER B 306 -12.96 5.35 10.77
N LYS B 307 -11.67 5.17 10.94
CA LYS B 307 -11.15 4.82 12.24
C LYS B 307 -11.35 5.97 13.15
N GLY B 308 -11.20 7.17 12.61
CA GLY B 308 -11.40 8.37 13.44
C GLY B 308 -12.76 8.40 14.06
N LEU B 309 -13.80 8.09 13.28
CA LEU B 309 -15.15 8.18 13.79
C LEU B 309 -15.38 7.16 14.89
N ARG B 310 -15.03 5.91 14.64
CA ARG B 310 -15.22 4.90 15.62
C ARG B 310 -14.44 5.24 16.87
N HIS B 311 -13.24 5.73 16.69
CA HIS B 311 -12.39 6.08 17.81
C HIS B 311 -12.96 7.23 18.59
N TYR B 312 -13.49 8.22 17.89
CA TYR B 312 -14.08 9.32 18.56
C TYR B 312 -15.36 8.98 19.29
N PHE B 313 -16.25 8.22 18.69
CA PHE B 313 -17.44 7.84 19.35
C PHE B 313 -17.40 6.63 20.33
N ASP B 314 -16.44 5.76 20.22
CA ASP B 314 -16.33 4.62 21.17
C ASP B 314 -14.86 4.25 21.26
N GLY B 315 -14.10 5.01 22.01
CA GLY B 315 -12.67 4.73 22.14
C GLY B 315 -12.48 3.25 22.54
N SER B 316 -13.22 2.84 23.57
CA SER B 316 -13.01 1.52 24.20
C SER B 316 -13.84 0.39 23.65
N HIS B 317 -14.56 0.64 22.57
CA HIS B 317 -15.24 -0.43 21.90
C HIS B 317 -16.17 -1.09 22.86
N ILE B 318 -16.82 -0.29 23.68
CA ILE B 318 -17.83 -0.86 24.55
C ILE B 318 -19.07 -1.24 23.79
N GLN B 319 -19.17 -0.86 22.51
CA GLN B 319 -20.34 -1.16 21.71
C GLN B 319 -19.85 -1.82 20.47
N ASP B 320 -20.70 -2.62 19.85
CA ASP B 320 -20.31 -3.38 18.67
C ASP B 320 -20.42 -2.44 17.46
N TYR B 321 -19.86 -2.90 16.36
CA TYR B 321 -19.74 -2.17 15.13
C TYR B 321 -21.10 -1.89 14.56
N ASP B 322 -21.99 -2.86 14.72
CA ASP B 322 -23.32 -2.78 14.25
C ASP B 322 -24.07 -1.63 14.91
N ALA B 323 -23.87 -1.50 16.19
CA ALA B 323 -24.50 -0.42 16.91
C ALA B 323 -23.97 0.93 16.46
N PHE B 324 -22.68 1.03 16.25
CA PHE B 324 -22.09 2.29 15.80
C PHE B 324 -22.67 2.66 14.41
N CYS B 325 -22.76 1.70 13.51
CA CYS B 325 -23.33 1.94 12.21
C CYS B 325 -24.77 2.46 12.36
N ASP B 326 -25.56 1.89 13.25
CA ASP B 326 -26.93 2.33 13.44
C ASP B 326 -26.93 3.78 13.94
N PHE B 327 -26.03 4.11 14.84
CA PHE B 327 -26.00 5.41 15.43
C PHE B 327 -25.62 6.52 14.40
N ILE B 328 -24.58 6.25 13.61
CA ILE B 328 -24.01 7.25 12.71
C ILE B 328 -24.70 7.36 11.36
N GLU B 329 -25.60 6.45 11.03
CA GLU B 329 -26.05 6.25 9.69
C GLU B 329 -26.77 7.53 9.11
N PHE B 330 -26.41 7.87 7.87
CA PHE B 330 -27.10 8.90 7.16
C PHE B 330 -28.19 8.19 6.37
N LYS B 331 -29.41 8.51 6.65
CA LYS B 331 -30.49 7.99 5.83
C LYS B 331 -31.40 9.11 5.44
N HIS B 332 -31.79 9.11 4.18
CA HIS B 332 -32.77 10.05 3.70
C HIS B 332 -33.59 9.41 2.57
N GLU B 333 -34.89 9.48 2.72
CA GLU B 333 -35.85 8.95 1.76
C GLU B 333 -35.64 9.43 0.31
N ASN B 334 -35.14 10.63 0.16
CA ASN B 334 -35.01 11.24 -1.14
C ASN B 334 -33.66 11.02 -1.82
N ILE B 335 -32.77 10.26 -1.19
CA ILE B 335 -31.50 9.93 -1.79
C ILE B 335 -31.38 8.44 -2.04
N ILE B 336 -31.19 8.07 -3.28
CA ILE B 336 -30.95 6.71 -3.70
C ILE B 336 -29.51 6.62 -4.13
N MET B 337 -28.71 5.92 -3.35
CA MET B 337 -27.30 5.70 -3.69
C MET B 337 -27.05 4.53 -4.60
N ASN B 338 -26.02 4.69 -5.41
CA ASN B 338 -25.45 3.62 -6.22
C ASN B 338 -26.46 3.13 -7.25
N THR B 339 -27.08 4.06 -7.95
CA THR B 339 -27.99 3.70 -9.05
C THR B 339 -27.24 3.05 -10.22
N SER B 340 -25.92 3.14 -10.23
CA SER B 340 -25.04 2.47 -11.19
C SER B 340 -24.95 3.33 -12.38
#